data_3C7C
#
_entry.id   3C7C
#
_cell.length_a   95.000
_cell.length_b   95.000
_cell.length_c   120.200
_cell.angle_alpha   90.00
_cell.angle_beta   90.00
_cell.angle_gamma   90.00
#
_symmetry.space_group_name_H-M   'P 41 21 2'
#
loop_
_entity.id
_entity.type
_entity.pdbx_description
1 polymer 'Octopine dehydrogenase'
2 non-polymer NICOTINAMIDE-ADENINE-DINUCLEOTIDE
3 non-polymer ARGININE
#
_entity_poly.entity_id   1
_entity_poly.type   'polypeptide(L)'
_entity_poly.pdbx_seq_one_letter_code
;MTVKVCVCGGGNGAHTLSGLAASRDGVEVRVLTLFADEAERWTKALGADELTVIVNEKDGTQTEVKSRPKVITKDPEIAI
SGADVVILTVPAFAHEGYFQAMAPYVQDSALIVGLPSQAGFEFQCRDILGDKAAAVSMMSFETLPWACRIKEFGRKVEVL
GTKSVLAASLIKGTAKTVDPLSTLQMLHGAEPVFRLAKHFLEMLIMSYSFVHPAILFGRWGSWDGKPVPEAPLFYQGIDQ
ATADMLTACSNECKDVANAIMAACPGNDLSDVKDIYQWYLEYYHEDIQDDHDLYHAITTNKSYKGLVHPVKAVDGGVAPD
FGNRYLTEDIPMGMIVFKGVAIAAGVAIPSNDKLIMWAQEKIGKEYLVDGALTGKDVATTRCPQRYGFNTLDAILTGKKH
HHHH
;
_entity_poly.pdbx_strand_id   B
#
loop_
_chem_comp.id
_chem_comp.type
_chem_comp.name
_chem_comp.formula
NAD non-polymer NICOTINAMIDE-ADENINE-DINUCLEOTIDE 'C21 H27 N7 O14 P2'
#
# COMPACT_ATOMS: atom_id res chain seq x y z
N THR A 2 -26.14 13.72 1.16
CA THR A 2 -24.74 14.13 0.84
C THR A 2 -23.74 13.13 1.40
N VAL A 3 -22.78 12.72 0.56
CA VAL A 3 -21.67 11.87 1.01
C VAL A 3 -20.54 12.76 1.51
N LYS A 4 -20.17 12.61 2.78
CA LYS A 4 -19.12 13.42 3.37
C LYS A 4 -17.80 12.65 3.44
N VAL A 5 -16.86 13.04 2.58
CA VAL A 5 -15.61 12.31 2.41
C VAL A 5 -14.42 13.08 2.98
N CYS A 6 -13.57 12.36 3.71
CA CYS A 6 -12.36 12.93 4.29
C CYS A 6 -11.12 12.30 3.65
N VAL A 7 -10.27 13.16 3.08
CA VAL A 7 -9.04 12.72 2.41
C VAL A 7 -7.82 13.04 3.29
N CYS A 8 -7.01 12.01 3.55
CA CYS A 8 -5.84 12.16 4.41
C CYS A 8 -4.55 12.27 3.60
N GLY A 9 -3.81 13.34 3.87
CA GLY A 9 -2.52 13.57 3.21
C GLY A 9 -2.57 14.75 2.27
N GLY A 10 -1.40 15.13 1.77
CA GLY A 10 -1.28 16.22 0.80
C GLY A 10 -0.27 15.91 -0.29
N GLY A 11 -0.20 14.63 -0.68
CA GLY A 11 0.75 14.18 -1.70
C GLY A 11 0.18 14.21 -3.09
N ASN A 12 0.75 13.40 -3.97
CA ASN A 12 0.25 13.25 -5.35
C ASN A 12 -1.14 12.65 -5.35
N GLY A 13 -1.30 11.56 -4.60
CA GLY A 13 -2.57 10.86 -4.49
C GLY A 13 -3.65 11.72 -3.85
N ALA A 14 -3.31 12.37 -2.74
CA ALA A 14 -4.24 13.24 -2.02
C ALA A 14 -4.75 14.40 -2.88
N HIS A 15 -3.86 14.97 -3.71
CA HIS A 15 -4.23 16.00 -4.67
C HIS A 15 -5.18 15.46 -5.74
N THR A 16 -4.85 14.27 -6.27
CA THR A 16 -5.62 13.64 -7.33
C THR A 16 -7.00 13.22 -6.84
N LEU A 17 -7.04 12.63 -5.64
CA LEU A 17 -8.29 12.15 -5.06
C LEU A 17 -9.23 13.29 -4.68
N SER A 18 -8.67 14.34 -4.07
CA SER A 18 -9.47 15.49 -3.65
C SER A 18 -10.15 16.19 -4.81
N GLY A 19 -9.42 16.36 -5.91
CA GLY A 19 -9.94 17.02 -7.11
C GLY A 19 -11.09 16.26 -7.75
N LEU A 20 -10.93 14.95 -7.88
CA LEU A 20 -11.95 14.11 -8.50
C LEU A 20 -13.18 13.94 -7.61
N ALA A 21 -12.95 13.76 -6.31
CA ALA A 21 -14.04 13.57 -5.35
C ALA A 21 -14.87 14.85 -5.17
N ALA A 22 -14.20 16.00 -5.11
CA ALA A 22 -14.87 17.29 -4.94
C ALA A 22 -15.70 17.73 -6.15
N SER A 23 -15.49 17.07 -7.28
CA SER A 23 -16.23 17.36 -8.51
C SER A 23 -17.54 16.58 -8.62
N ARG A 24 -17.65 15.46 -7.90
CA ARG A 24 -18.87 14.64 -7.93
C ARG A 24 -20.01 15.33 -7.18
N ASP A 25 -21.16 15.42 -7.84
CA ASP A 25 -22.33 16.05 -7.26
C ASP A 25 -22.84 15.24 -6.07
N GLY A 26 -23.13 15.94 -4.97
CA GLY A 26 -23.59 15.30 -3.74
C GLY A 26 -22.47 14.82 -2.84
N VAL A 27 -21.25 15.33 -3.08
CA VAL A 27 -20.09 14.99 -2.25
C VAL A 27 -19.45 16.25 -1.65
N GLU A 28 -19.27 16.23 -0.34
CA GLU A 28 -18.49 17.25 0.37
C GLU A 28 -17.12 16.65 0.73
N VAL A 29 -16.06 17.33 0.32
CA VAL A 29 -14.70 16.86 0.60
C VAL A 29 -13.99 17.71 1.65
N ARG A 30 -13.52 17.06 2.71
CA ARG A 30 -12.66 17.68 3.70
C ARG A 30 -11.27 17.07 3.57
N VAL A 31 -10.26 17.92 3.39
CA VAL A 31 -8.89 17.44 3.27
C VAL A 31 -8.12 17.66 4.58
N LEU A 32 -7.59 16.58 5.14
CA LEU A 32 -6.82 16.62 6.37
C LEU A 32 -5.37 16.23 6.11
N THR A 33 -4.45 17.10 6.49
CA THR A 33 -3.02 16.78 6.46
C THR A 33 -2.34 17.19 7.77
N LEU A 34 -1.66 16.23 8.39
CA LEU A 34 -1.03 16.44 9.67
C LEU A 34 0.46 16.78 9.54
N PHE A 35 0.93 16.87 8.29
CA PHE A 35 2.33 17.17 8.03
C PHE A 35 2.62 18.63 8.31
N ALA A 36 3.09 18.90 9.53
CA ALA A 36 3.41 20.25 9.98
C ALA A 36 2.26 21.21 9.71
N ASP A 37 2.53 22.26 8.93
CA ASP A 37 1.50 23.23 8.56
C ASP A 37 1.21 23.18 7.06
N GLU A 38 1.16 21.96 6.52
CA GLU A 38 0.91 21.74 5.09
C GLU A 38 -0.48 22.21 4.66
N ALA A 39 -1.47 21.94 5.50
CA ALA A 39 -2.86 22.32 5.26
C ALA A 39 -3.00 23.80 4.93
N GLU A 40 -2.34 24.62 5.74
CA GLU A 40 -2.33 26.06 5.56
C GLU A 40 -1.63 26.46 4.26
N ARG A 41 -0.53 25.79 3.94
CA ARG A 41 0.24 26.04 2.72
C ARG A 41 -0.60 25.77 1.48
N TRP A 42 -1.43 24.74 1.56
CA TRP A 42 -2.33 24.35 0.48
C TRP A 42 -3.37 25.43 0.27
N THR A 43 -4.08 25.77 1.34
CA THR A 43 -5.14 26.77 1.30
C THR A 43 -4.62 28.09 0.72
N LYS A 44 -3.41 28.47 1.14
CA LYS A 44 -2.77 29.72 0.72
C LYS A 44 -2.38 29.68 -0.76
N ALA A 45 -1.95 28.51 -1.24
CA ALA A 45 -1.54 28.34 -2.62
C ALA A 45 -2.73 28.29 -3.58
N LEU A 46 -3.82 27.69 -3.12
CA LEU A 46 -5.01 27.55 -3.95
C LEU A 46 -5.73 28.89 -4.08
N GLY A 47 -5.90 29.58 -2.94
CA GLY A 47 -6.60 30.85 -2.92
C GLY A 47 -8.09 30.69 -3.15
N ALA A 48 -8.58 31.28 -4.23
CA ALA A 48 -9.99 31.18 -4.64
C ALA A 48 -10.15 30.32 -5.89
N ASP A 49 -9.03 29.83 -6.40
CA ASP A 49 -9.00 29.05 -7.64
C ASP A 49 -9.44 27.60 -7.41
N GLU A 50 -9.64 26.88 -8.52
CA GLU A 50 -10.07 25.49 -8.47
C GLU A 50 -8.88 24.53 -8.56
N LEU A 51 -8.95 23.45 -7.78
CA LEU A 51 -7.97 22.37 -7.86
C LEU A 51 -8.13 21.66 -9.20
N THR A 52 -7.06 21.68 -10.00
CA THR A 52 -7.10 21.17 -11.36
C THR A 52 -6.44 19.79 -11.47
N VAL A 53 -7.18 18.85 -12.04
CA VAL A 53 -6.67 17.51 -12.28
C VAL A 53 -6.64 17.26 -13.79
N ILE A 54 -5.43 17.16 -14.33
CA ILE A 54 -5.25 16.89 -15.75
C ILE A 54 -5.11 15.39 -15.95
N VAL A 55 -6.11 14.79 -16.60
CA VAL A 55 -6.11 13.36 -16.87
C VAL A 55 -5.63 13.08 -18.30
N ASN A 56 -4.58 12.28 -18.42
CA ASN A 56 -4.12 11.80 -19.71
C ASN A 56 -4.87 10.53 -20.12
N GLU A 57 -5.80 10.69 -21.05
CA GLU A 57 -6.66 9.59 -21.51
C GLU A 57 -5.93 8.64 -22.46
N LYS A 58 -6.56 7.49 -22.74
CA LYS A 58 -5.98 6.48 -23.64
C LYS A 58 -5.92 6.92 -25.10
N ASP A 59 -6.70 7.95 -25.44
CA ASP A 59 -6.71 8.53 -26.80
C ASP A 59 -5.43 9.28 -27.10
N GLY A 60 -4.87 9.92 -26.06
CA GLY A 60 -3.78 10.88 -26.22
C GLY A 60 -4.26 12.24 -25.76
N THR A 61 -5.58 12.40 -25.70
CA THR A 61 -6.23 13.64 -25.27
C THR A 61 -6.15 13.86 -23.76
N GLN A 62 -6.26 15.12 -23.35
CA GLN A 62 -6.20 15.50 -21.92
C GLN A 62 -7.51 16.09 -21.41
N THR A 63 -8.20 15.34 -20.55
CA THR A 63 -9.40 15.85 -19.89
C THR A 63 -8.98 16.67 -18.68
N GLU A 64 -9.77 17.71 -18.37
CA GLU A 64 -9.43 18.65 -17.30
C GLU A 64 -10.56 18.70 -16.28
N VAL A 65 -10.26 18.36 -15.04
CA VAL A 65 -11.27 18.34 -13.97
C VAL A 65 -10.98 19.40 -12.91
N LYS A 66 -11.95 20.27 -12.66
CA LYS A 66 -11.79 21.37 -11.71
C LYS A 66 -12.83 21.33 -10.59
N SER A 67 -12.36 21.50 -9.36
CA SER A 67 -13.22 21.46 -8.18
C SER A 67 -12.55 22.10 -6.97
N ARG A 68 -13.36 22.46 -5.98
CA ARG A 68 -12.86 23.01 -4.72
C ARG A 68 -13.36 22.19 -3.53
N PRO A 69 -12.43 21.61 -2.74
CA PRO A 69 -12.79 20.95 -1.50
C PRO A 69 -13.40 21.94 -0.50
N LYS A 70 -14.30 21.47 0.35
CA LYS A 70 -14.95 22.32 1.35
C LYS A 70 -13.93 22.99 2.27
N VAL A 71 -12.99 22.20 2.79
CA VAL A 71 -11.98 22.70 3.70
C VAL A 71 -10.70 21.86 3.65
N ILE A 72 -9.55 22.53 3.73
CA ILE A 72 -8.26 21.87 3.87
C ILE A 72 -7.63 22.33 5.19
N THR A 73 -7.78 21.51 6.23
CA THR A 73 -7.32 21.86 7.57
C THR A 73 -6.40 20.80 8.18
N LYS A 74 -5.64 21.20 9.20
CA LYS A 74 -4.82 20.26 9.97
C LYS A 74 -5.57 19.79 11.22
N ASP A 75 -6.72 20.41 11.49
CA ASP A 75 -7.56 20.09 12.64
C ASP A 75 -8.45 18.87 12.38
N PRO A 76 -8.12 17.72 13.02
CA PRO A 76 -8.86 16.48 12.82
C PRO A 76 -10.34 16.55 13.21
N GLU A 77 -10.69 17.54 14.02
CA GLU A 77 -12.08 17.70 14.47
C GLU A 77 -13.01 18.19 13.35
N ILE A 78 -12.54 19.18 12.59
CA ILE A 78 -13.29 19.71 11.44
C ILE A 78 -13.39 18.67 10.33
N ALA A 79 -12.26 18.02 10.04
CA ALA A 79 -12.17 17.10 8.91
C ALA A 79 -12.92 15.79 9.12
N ILE A 80 -12.85 15.23 10.33
CA ILE A 80 -13.38 13.89 10.57
C ILE A 80 -14.86 13.86 10.95
N SER A 81 -15.28 14.76 11.85
CA SER A 81 -16.65 14.77 12.37
C SER A 81 -17.73 14.74 11.29
N GLY A 82 -18.53 13.67 11.30
CA GLY A 82 -19.63 13.51 10.36
C GLY A 82 -19.19 12.94 9.03
N ALA A 83 -17.94 12.47 8.95
CA ALA A 83 -17.43 11.85 7.74
C ALA A 83 -17.97 10.44 7.56
N ASP A 84 -18.51 10.17 6.37
CA ASP A 84 -19.05 8.87 6.01
C ASP A 84 -17.95 7.97 5.46
N VAL A 85 -17.04 8.57 4.70
CA VAL A 85 -15.86 7.89 4.16
C VAL A 85 -14.60 8.65 4.59
N VAL A 86 -13.64 7.93 5.16
CA VAL A 86 -12.33 8.49 5.50
C VAL A 86 -11.27 7.73 4.70
N ILE A 87 -10.63 8.41 3.76
CA ILE A 87 -9.65 7.79 2.85
C ILE A 87 -8.23 8.26 3.14
N LEU A 88 -7.33 7.32 3.41
CA LEU A 88 -5.93 7.61 3.69
C LEU A 88 -5.07 7.40 2.44
N THR A 89 -4.56 8.48 1.88
CA THR A 89 -3.67 8.41 0.72
C THR A 89 -2.31 9.03 1.02
N VAL A 90 -1.46 8.24 1.68
CA VAL A 90 -0.12 8.68 2.08
C VAL A 90 0.80 7.47 2.20
N PRO A 91 2.13 7.68 2.21
CA PRO A 91 3.02 6.58 2.56
C PRO A 91 2.68 6.06 3.96
N ALA A 92 2.93 4.77 4.18
CA ALA A 92 2.42 4.06 5.35
C ALA A 92 2.95 4.56 6.71
N PHE A 93 4.20 5.00 6.74
CA PHE A 93 4.79 5.51 7.98
C PHE A 93 3.97 6.67 8.56
N ALA A 94 3.10 7.25 7.74
CA ALA A 94 2.27 8.38 8.14
C ALA A 94 0.86 7.99 8.60
N HIS A 95 0.51 6.71 8.49
CA HIS A 95 -0.83 6.24 8.88
C HIS A 95 -1.10 6.26 10.38
N GLU A 96 -0.06 5.99 11.18
CA GLU A 96 -0.18 5.98 12.65
C GLU A 96 -0.74 7.29 13.16
N GLY A 97 -0.23 8.40 12.61
CA GLY A 97 -0.66 9.73 13.00
C GLY A 97 -2.12 10.01 12.71
N TYR A 98 -2.60 9.53 11.57
CA TYR A 98 -3.98 9.80 11.14
C TYR A 98 -5.03 9.05 11.96
N PHE A 99 -4.72 7.80 12.34
CA PHE A 99 -5.61 7.01 13.19
C PHE A 99 -5.80 7.64 14.57
N GLN A 100 -4.70 8.11 15.16
CA GLN A 100 -4.74 8.83 16.44
C GLN A 100 -5.59 10.10 16.34
N ALA A 101 -5.40 10.83 15.24
CA ALA A 101 -6.12 12.08 15.00
C ALA A 101 -7.63 11.87 14.86
N MET A 102 -8.02 10.82 14.15
CA MET A 102 -9.42 10.54 13.90
C MET A 102 -10.11 9.82 15.06
N ALA A 103 -9.32 9.21 15.94
CA ALA A 103 -9.85 8.38 17.02
C ALA A 103 -11.08 8.96 17.74
N PRO A 104 -10.96 10.15 18.36
CA PRO A 104 -12.12 10.66 19.10
C PRO A 104 -13.30 11.13 18.25
N TYR A 105 -13.05 11.51 16.99
CA TYR A 105 -14.04 12.20 16.18
C TYR A 105 -14.75 11.35 15.11
N VAL A 106 -14.22 10.16 14.85
CA VAL A 106 -14.79 9.26 13.84
C VAL A 106 -16.10 8.64 14.34
N GLN A 107 -17.10 8.53 13.45
CA GLN A 107 -18.39 7.96 13.82
C GLN A 107 -18.44 6.45 13.55
N ASP A 108 -19.38 5.76 14.20
CA ASP A 108 -19.52 4.31 14.05
C ASP A 108 -19.71 3.87 12.61
N SER A 109 -20.54 4.62 11.88
CA SER A 109 -20.91 4.29 10.51
C SER A 109 -19.86 4.65 9.46
N ALA A 110 -18.65 4.97 9.92
CA ALA A 110 -17.57 5.39 9.02
C ALA A 110 -16.96 4.22 8.24
N LEU A 111 -16.58 4.50 7.00
CA LEU A 111 -15.84 3.56 6.17
C LEU A 111 -14.41 4.09 6.04
N ILE A 112 -13.49 3.42 6.71
CA ILE A 112 -12.07 3.79 6.65
C ILE A 112 -11.39 3.04 5.51
N VAL A 113 -10.74 3.80 4.63
CA VAL A 113 -10.12 3.26 3.42
C VAL A 113 -8.62 3.53 3.42
N GLY A 114 -7.84 2.51 3.06
CA GLY A 114 -6.40 2.68 2.82
C GLY A 114 -6.13 2.63 1.33
N LEU A 115 -5.75 3.78 0.77
CA LEU A 115 -5.57 3.92 -0.68
C LEU A 115 -4.17 4.44 -1.05
N PRO A 116 -3.16 3.55 -1.09
CA PRO A 116 -3.19 2.13 -0.74
C PRO A 116 -2.93 1.85 0.74
N SER A 117 -3.37 0.70 1.21
CA SER A 117 -3.20 0.30 2.60
C SER A 117 -1.78 -0.10 2.98
N GLN A 118 -1.10 -0.78 2.06
CA GLN A 118 0.14 -1.52 2.33
C GLN A 118 -0.20 -2.75 3.18
N ALA A 119 0.63 -3.07 4.16
CA ALA A 119 0.39 -4.24 5.01
C ALA A 119 0.31 -3.88 6.49
N GLY A 120 -0.59 -4.53 7.21
CA GLY A 120 -0.80 -4.28 8.63
C GLY A 120 -1.67 -3.06 8.91
N PHE A 121 -2.32 -2.56 7.87
CA PHE A 121 -3.22 -1.41 7.96
C PHE A 121 -4.32 -1.68 8.96
N GLU A 122 -4.97 -2.82 8.82
CA GLU A 122 -6.10 -3.20 9.67
C GLU A 122 -5.67 -3.52 11.11
N PHE A 123 -4.46 -4.06 11.28
CA PHE A 123 -3.95 -4.37 12.60
C PHE A 123 -3.69 -3.08 13.38
N GLN A 124 -3.10 -2.10 12.67
CA GLN A 124 -2.82 -0.78 13.24
C GLN A 124 -4.11 -0.01 13.59
N CYS A 125 -5.05 0.00 12.65
CA CYS A 125 -6.34 0.65 12.84
C CYS A 125 -7.06 0.11 14.07
N ARG A 126 -7.06 -1.21 14.21
CA ARG A 126 -7.68 -1.88 15.36
C ARG A 126 -7.07 -1.42 16.68
N ASP A 127 -5.74 -1.41 16.72
CA ASP A 127 -5.00 -1.06 17.92
C ASP A 127 -5.26 0.38 18.40
N ILE A 128 -5.34 1.32 17.46
CA ILE A 128 -5.43 2.73 17.82
C ILE A 128 -6.87 3.16 18.09
N LEU A 129 -7.79 2.71 17.25
CA LEU A 129 -9.22 3.02 17.43
C LEU A 129 -9.87 2.20 18.54
N GLY A 130 -9.21 1.12 18.95
CA GLY A 130 -9.68 0.28 20.06
C GLY A 130 -10.96 -0.46 19.74
N ASP A 131 -11.96 -0.31 20.61
CA ASP A 131 -13.26 -0.94 20.44
C ASP A 131 -13.96 -0.49 19.17
N LYS A 132 -13.76 0.78 18.81
CA LYS A 132 -14.43 1.42 17.66
C LYS A 132 -14.14 0.76 16.31
N ALA A 133 -13.00 0.07 16.22
CA ALA A 133 -12.61 -0.66 15.01
C ALA A 133 -13.61 -1.76 14.64
N ALA A 134 -14.32 -2.29 15.65
CA ALA A 134 -15.35 -3.31 15.44
C ALA A 134 -16.64 -2.72 14.89
N ALA A 135 -16.81 -1.40 15.03
CA ALA A 135 -17.98 -0.69 14.52
C ALA A 135 -17.77 -0.23 13.07
N VAL A 136 -16.63 0.42 12.82
CA VAL A 136 -16.27 0.93 11.50
C VAL A 136 -15.99 -0.18 10.49
N SER A 137 -15.87 0.20 9.21
CA SER A 137 -15.48 -0.76 8.18
C SER A 137 -14.13 -0.37 7.56
N MET A 138 -13.21 -1.33 7.54
CA MET A 138 -11.87 -1.11 7.02
C MET A 138 -11.74 -1.66 5.59
N MET A 139 -11.20 -0.85 4.70
CA MET A 139 -11.12 -1.18 3.27
C MET A 139 -9.70 -1.00 2.75
N SER A 140 -9.11 -2.05 2.20
CA SER A 140 -7.71 -2.02 1.78
C SER A 140 -7.50 -2.20 0.29
N PHE A 141 -7.03 -1.17 -0.39
CA PHE A 141 -6.73 -1.23 -1.82
C PHE A 141 -5.28 -1.70 -2.06
N GLU A 142 -5.08 -2.41 -3.17
CA GLU A 142 -3.80 -3.06 -3.47
C GLU A 142 -2.67 -2.10 -3.85
N THR A 143 -3.05 -0.99 -4.48
CA THR A 143 -2.11 0.07 -4.88
C THR A 143 -2.90 1.35 -5.19
N LEU A 144 -2.20 2.43 -5.52
CA LEU A 144 -2.83 3.69 -5.89
C LEU A 144 -3.51 3.59 -7.27
N PRO A 145 -4.76 4.08 -7.40
CA PRO A 145 -5.55 3.99 -8.63
C PRO A 145 -4.91 4.66 -9.85
N TRP A 146 -4.09 5.67 -9.63
CA TRP A 146 -3.46 6.39 -10.74
C TRP A 146 -1.95 6.47 -10.56
N ALA A 147 -1.24 6.57 -11.67
CA ALA A 147 0.14 7.04 -11.65
C ALA A 147 0.05 8.57 -11.81
N CYS A 148 0.38 9.29 -10.75
CA CYS A 148 0.16 10.74 -10.72
C CYS A 148 1.32 11.53 -10.09
N ARG A 149 1.51 12.75 -10.58
CA ARG A 149 2.51 13.65 -10.03
C ARG A 149 1.94 15.07 -9.93
N ILE A 150 2.28 15.76 -8.83
CA ILE A 150 1.95 17.17 -8.65
C ILE A 150 2.70 18.04 -9.67
N LYS A 151 1.98 18.94 -10.33
CA LYS A 151 2.58 19.89 -11.26
C LYS A 151 2.80 21.25 -10.61
N GLU A 152 1.90 21.62 -9.70
CA GLU A 152 2.00 22.86 -8.94
C GLU A 152 1.31 22.65 -7.61
N PHE A 153 2.07 22.72 -6.53
CA PHE A 153 1.56 22.36 -5.21
C PHE A 153 0.25 23.05 -4.85
N GLY A 154 -0.70 22.24 -4.37
CA GLY A 154 -1.95 22.75 -3.83
C GLY A 154 -2.96 23.21 -4.86
N ARG A 155 -2.64 23.04 -6.14
CA ARG A 155 -3.51 23.58 -7.20
C ARG A 155 -3.48 22.86 -8.57
N LYS A 156 -2.45 22.03 -8.80
CA LYS A 156 -2.36 21.29 -10.07
C LYS A 156 -1.66 19.94 -9.93
N VAL A 157 -2.35 18.89 -10.38
CA VAL A 157 -1.83 17.53 -10.35
C VAL A 157 -2.17 16.81 -11.66
N GLU A 158 -1.25 15.97 -12.13
CA GLU A 158 -1.43 15.30 -13.42
C GLU A 158 -1.51 13.79 -13.28
N VAL A 159 -2.57 13.21 -13.86
CA VAL A 159 -2.72 11.77 -13.95
C VAL A 159 -2.00 11.30 -15.23
N LEU A 160 -0.88 10.60 -15.06
CA LEU A 160 -0.15 10.02 -16.18
C LEU A 160 -0.94 8.86 -16.79
N GLY A 161 -1.73 8.18 -15.96
CA GLY A 161 -2.56 7.06 -16.40
C GLY A 161 -3.38 6.50 -15.25
N THR A 162 -4.48 5.83 -15.60
CA THR A 162 -5.36 5.22 -14.62
C THR A 162 -5.46 3.72 -14.86
N LYS A 163 -5.36 2.95 -13.78
CA LYS A 163 -5.57 1.50 -13.82
C LYS A 163 -6.97 1.19 -14.35
N SER A 164 -7.11 0.06 -15.04
CA SER A 164 -8.43 -0.36 -15.52
C SER A 164 -9.20 -1.11 -14.43
N VAL A 165 -8.56 -2.11 -13.83
CA VAL A 165 -9.15 -2.85 -12.70
C VAL A 165 -8.38 -2.56 -11.41
N LEU A 166 -9.07 -2.68 -10.27
CA LEU A 166 -8.44 -2.53 -8.96
C LEU A 166 -9.24 -3.27 -7.88
N ALA A 167 -8.54 -4.05 -7.07
CA ALA A 167 -9.17 -4.85 -6.03
C ALA A 167 -9.02 -4.22 -4.65
N ALA A 168 -10.08 -4.31 -3.86
CA ALA A 168 -10.08 -3.83 -2.48
C ALA A 168 -10.67 -4.89 -1.57
N SER A 169 -10.01 -5.12 -0.44
CA SER A 169 -10.52 -6.03 0.58
C SER A 169 -11.37 -5.25 1.57
N LEU A 170 -12.35 -5.92 2.16
CA LEU A 170 -13.26 -5.28 3.09
C LEU A 170 -13.47 -6.10 4.36
N ILE A 171 -13.30 -5.44 5.50
CA ILE A 171 -13.70 -5.98 6.80
C ILE A 171 -14.94 -5.22 7.25
N LYS A 172 -16.09 -5.89 7.20
CA LYS A 172 -17.37 -5.29 7.59
C LYS A 172 -17.48 -5.22 9.10
N GLY A 173 -17.79 -4.03 9.60
CA GLY A 173 -18.03 -3.81 11.02
C GLY A 173 -19.49 -4.03 11.39
N THR A 174 -19.83 -3.74 12.63
CA THR A 174 -21.20 -3.91 13.12
C THR A 174 -22.11 -2.81 12.59
N ALA A 175 -21.57 -1.60 12.48
CA ALA A 175 -22.33 -0.46 11.96
C ALA A 175 -22.51 -0.55 10.45
N LYS A 176 -23.64 -0.02 9.98
CA LYS A 176 -23.96 0.03 8.57
C LYS A 176 -23.32 1.28 7.97
N THR A 177 -22.44 1.07 7.00
CA THR A 177 -21.76 2.17 6.31
C THR A 177 -22.48 2.47 4.99
N VAL A 178 -21.99 3.46 4.24
CA VAL A 178 -22.39 3.61 2.84
C VAL A 178 -21.75 2.45 2.07
N ASP A 179 -22.39 2.02 0.98
CA ASP A 179 -21.91 0.86 0.23
C ASP A 179 -20.46 1.07 -0.23
N PRO A 180 -19.53 0.23 0.28
CA PRO A 180 -18.09 0.40 0.04
C PRO A 180 -17.72 0.49 -1.43
N LEU A 181 -18.21 -0.44 -2.25
CA LEU A 181 -17.82 -0.52 -3.65
C LEU A 181 -18.37 0.62 -4.50
N SER A 182 -19.69 0.83 -4.43
CA SER A 182 -20.35 1.82 -5.28
C SER A 182 -19.97 3.26 -4.95
N THR A 183 -19.80 3.56 -3.66
CA THR A 183 -19.42 4.90 -3.20
C THR A 183 -18.00 5.26 -3.66
N LEU A 184 -17.06 4.32 -3.52
CA LEU A 184 -15.68 4.54 -3.95
C LEU A 184 -15.55 4.67 -5.47
N GLN A 185 -16.34 3.87 -6.19
CA GLN A 185 -16.42 3.96 -7.65
C GLN A 185 -16.93 5.34 -8.08
N MET A 186 -18.02 5.77 -7.45
CA MET A 186 -18.65 7.06 -7.73
C MET A 186 -17.65 8.22 -7.67
N LEU A 187 -16.81 8.23 -6.62
CA LEU A 187 -15.79 9.26 -6.44
C LEU A 187 -14.71 9.20 -7.53
N HIS A 188 -14.33 7.98 -7.92
CA HIS A 188 -13.25 7.77 -8.88
C HIS A 188 -13.63 8.01 -10.34
N GLY A 189 -14.93 7.91 -10.63
CA GLY A 189 -15.41 8.00 -12.02
C GLY A 189 -15.51 6.64 -12.69
N ALA A 190 -15.37 6.63 -14.02
CA ALA A 190 -15.52 5.41 -14.82
C ALA A 190 -14.40 4.39 -14.60
N GLU A 191 -13.19 4.88 -14.27
CA GLU A 191 -12.03 4.01 -14.05
C GLU A 191 -11.24 4.37 -12.80
N PRO A 192 -10.65 3.37 -12.11
CA PRO A 192 -10.72 1.94 -12.41
C PRO A 192 -12.04 1.32 -11.97
N VAL A 193 -12.42 0.20 -12.58
CA VAL A 193 -13.58 -0.55 -12.11
C VAL A 193 -13.20 -1.36 -10.87
N PHE A 194 -13.83 -1.03 -9.75
CA PHE A 194 -13.51 -1.63 -8.46
C PHE A 194 -14.22 -2.95 -8.22
N ARG A 195 -13.45 -3.95 -7.77
CA ARG A 195 -14.01 -5.22 -7.32
C ARG A 195 -13.57 -5.54 -5.88
N LEU A 196 -14.42 -6.27 -5.16
CA LEU A 196 -14.09 -6.73 -3.82
C LEU A 196 -13.25 -8.00 -3.84
N ALA A 197 -12.15 -7.97 -3.07
CA ALA A 197 -11.33 -9.15 -2.87
C ALA A 197 -12.06 -10.12 -1.94
N LYS A 198 -11.60 -11.36 -1.86
CA LYS A 198 -12.25 -12.36 -1.02
C LYS A 198 -11.93 -12.20 0.46
N HIS A 199 -10.66 -11.88 0.78
CA HIS A 199 -10.22 -11.77 2.17
C HIS A 199 -9.13 -10.71 2.34
N PHE A 200 -9.03 -10.13 3.53
CA PHE A 200 -8.06 -9.06 3.78
C PHE A 200 -6.62 -9.56 3.90
N LEU A 201 -6.46 -10.80 4.37
CA LEU A 201 -5.14 -11.43 4.44
C LEU A 201 -4.68 -11.88 3.05
N GLU A 202 -5.64 -12.14 2.17
CA GLU A 202 -5.37 -12.38 0.76
C GLU A 202 -4.74 -11.12 0.17
N MET A 203 -5.39 -9.98 0.44
CA MET A 203 -4.89 -8.67 0.03
C MET A 203 -3.51 -8.39 0.61
N LEU A 204 -3.31 -8.77 1.87
CA LEU A 204 -2.07 -8.51 2.60
C LEU A 204 -0.86 -9.20 1.95
N ILE A 205 -1.02 -10.47 1.60
CA ILE A 205 0.09 -11.25 1.04
C ILE A 205 0.26 -11.03 -0.46
N MET A 206 -0.84 -10.76 -1.15
CA MET A 206 -0.81 -10.42 -2.58
C MET A 206 -0.16 -9.07 -2.88
N SER A 207 0.31 -8.39 -1.83
CA SER A 207 1.18 -7.23 -1.98
C SER A 207 2.49 -7.64 -2.65
N TYR A 208 2.86 -8.91 -2.45
CA TYR A 208 4.16 -9.45 -2.88
C TYR A 208 5.31 -8.57 -2.41
N SER A 209 5.34 -8.30 -1.10
CA SER A 209 6.29 -7.35 -0.50
C SER A 209 7.77 -7.71 -0.72
N PHE A 210 8.00 -8.92 -1.21
CA PHE A 210 9.35 -9.43 -1.47
C PHE A 210 9.96 -8.94 -2.79
N VAL A 211 9.12 -8.48 -3.72
CA VAL A 211 9.56 -8.20 -5.10
C VAL A 211 10.73 -7.22 -5.22
N HIS A 212 10.55 -5.99 -4.74
CA HIS A 212 11.60 -4.96 -4.83
C HIS A 212 12.85 -5.28 -4.01
N PRO A 213 12.69 -5.76 -2.76
CA PRO A 213 13.85 -6.26 -2.02
C PRO A 213 14.59 -7.40 -2.72
N ALA A 214 13.88 -8.20 -3.52
CA ALA A 214 14.49 -9.32 -4.25
C ALA A 214 15.28 -8.87 -5.48
N ILE A 215 14.72 -7.92 -6.23
CA ILE A 215 15.39 -7.34 -7.41
C ILE A 215 16.65 -6.59 -6.99
N LEU A 216 16.60 -5.93 -5.84
CA LEU A 216 17.76 -5.21 -5.29
C LEU A 216 18.83 -6.14 -4.73
N PHE A 217 18.40 -7.26 -4.15
CA PHE A 217 19.31 -8.30 -3.66
C PHE A 217 19.91 -9.09 -4.82
N GLY A 218 19.10 -9.32 -5.85
CA GLY A 218 19.52 -10.04 -7.04
C GLY A 218 20.64 -9.37 -7.81
N ARG A 219 20.76 -8.06 -7.66
CA ARG A 219 21.79 -7.27 -8.36
C ARG A 219 22.95 -6.86 -7.45
N TRP A 220 22.64 -6.57 -6.18
CA TRP A 220 23.64 -6.02 -5.25
C TRP A 220 23.95 -6.91 -4.06
N GLY A 221 23.46 -8.15 -4.08
CA GLY A 221 23.61 -9.10 -2.97
C GLY A 221 25.03 -9.25 -2.49
N SER A 222 25.89 -9.80 -3.35
CA SER A 222 27.32 -9.88 -3.07
C SER A 222 28.09 -8.91 -3.97
N TRP A 223 27.77 -7.63 -3.82
CA TRP A 223 28.41 -6.55 -4.56
C TRP A 223 29.75 -6.21 -3.92
N ASP A 224 30.81 -6.24 -4.73
CA ASP A 224 32.18 -6.07 -4.26
C ASP A 224 32.54 -4.63 -3.85
N GLY A 225 31.78 -3.67 -4.37
CA GLY A 225 32.03 -2.26 -4.11
C GLY A 225 32.46 -1.50 -5.35
N LYS A 226 32.87 -2.24 -6.39
CA LYS A 226 33.29 -1.63 -7.66
C LYS A 226 32.08 -1.05 -8.37
N PRO A 227 32.22 0.17 -8.91
CA PRO A 227 31.14 0.89 -9.61
C PRO A 227 30.78 0.27 -10.97
N VAL A 228 29.64 0.69 -11.52
CA VAL A 228 29.22 0.31 -12.87
C VAL A 228 29.11 1.58 -13.74
N PRO A 229 29.18 1.44 -15.08
CA PRO A 229 29.09 2.60 -15.99
C PRO A 229 27.81 3.41 -15.81
N GLU A 230 26.71 2.88 -16.31
CA GLU A 230 25.40 3.51 -16.17
C GLU A 230 24.54 2.73 -15.16
N ALA A 231 23.37 3.27 -14.83
CA ALA A 231 22.42 2.60 -13.97
C ALA A 231 21.86 1.35 -14.65
N PRO A 232 22.05 0.16 -14.03
CA PRO A 232 21.52 -1.07 -14.62
C PRO A 232 20.00 -1.13 -14.59
N LEU A 233 19.41 -1.77 -15.60
CA LEU A 233 17.96 -1.92 -15.69
C LEU A 233 17.39 -2.62 -14.46
N PHE A 234 16.26 -2.11 -13.97
CA PHE A 234 15.67 -2.62 -12.74
C PHE A 234 15.03 -4.00 -12.95
N TYR A 235 13.74 -4.01 -13.32
CA TYR A 235 13.00 -5.25 -13.51
C TYR A 235 13.62 -6.13 -14.58
N GLN A 236 14.03 -5.53 -15.69
CA GLN A 236 14.54 -6.27 -16.85
C GLN A 236 15.99 -6.74 -16.67
N GLY A 237 16.66 -6.24 -15.63
CA GLY A 237 18.05 -6.60 -15.36
C GLY A 237 18.24 -7.77 -14.41
N ILE A 238 17.18 -8.52 -14.16
CA ILE A 238 17.25 -9.68 -13.26
C ILE A 238 17.92 -10.87 -13.93
N ASP A 239 18.74 -11.59 -13.16
CA ASP A 239 19.31 -12.85 -13.63
C ASP A 239 18.39 -14.01 -13.24
N GLN A 240 18.73 -15.22 -13.70
CA GLN A 240 17.94 -16.42 -13.41
C GLN A 240 17.79 -16.66 -11.92
N ALA A 241 18.87 -16.44 -11.17
CA ALA A 241 18.91 -16.63 -9.72
C ALA A 241 17.85 -15.82 -8.98
N THR A 242 17.42 -14.73 -9.60
CA THR A 242 16.40 -13.83 -9.04
C THR A 242 14.98 -14.31 -9.34
N ALA A 243 14.77 -14.83 -10.55
CA ALA A 243 13.48 -15.43 -10.91
C ALA A 243 13.16 -16.64 -10.03
N ASP A 244 14.21 -17.35 -9.61
CA ASP A 244 14.08 -18.48 -8.71
C ASP A 244 13.85 -18.00 -7.27
N MET A 245 14.47 -16.86 -6.94
CA MET A 245 14.28 -16.21 -5.65
C MET A 245 12.85 -15.68 -5.51
N LEU A 246 12.30 -15.16 -6.61
CA LEU A 246 10.93 -14.65 -6.64
C LEU A 246 9.88 -15.75 -6.53
N THR A 247 10.11 -16.85 -7.25
CA THR A 247 9.21 -18.00 -7.23
C THR A 247 9.14 -18.63 -5.84
N ALA A 248 10.31 -18.75 -5.19
CA ALA A 248 10.41 -19.35 -3.86
C ALA A 248 9.67 -18.56 -2.79
N CYS A 249 9.63 -17.24 -2.96
CA CYS A 249 8.90 -16.36 -2.07
C CYS A 249 7.41 -16.36 -2.36
N SER A 250 7.07 -16.51 -3.65
CA SER A 250 5.69 -16.67 -4.09
C SER A 250 5.12 -18.02 -3.63
N ASN A 251 5.95 -19.05 -3.64
CA ASN A 251 5.57 -20.36 -3.11
C ASN A 251 5.33 -20.30 -1.61
N GLU A 252 6.16 -19.50 -0.93
CA GLU A 252 6.02 -19.30 0.51
C GLU A 252 4.77 -18.50 0.87
N CYS A 253 4.32 -17.65 -0.05
CA CYS A 253 3.05 -16.94 0.09
C CYS A 253 1.88 -17.91 0.08
N LYS A 254 1.93 -18.86 -0.84
CA LYS A 254 0.92 -19.92 -0.93
C LYS A 254 0.93 -20.80 0.32
N ASP A 255 2.12 -21.04 0.87
CA ASP A 255 2.27 -21.85 2.09
C ASP A 255 1.51 -21.24 3.26
N VAL A 256 1.73 -19.95 3.51
CA VAL A 256 1.06 -19.22 4.60
C VAL A 256 -0.45 -19.18 4.35
N ALA A 257 -0.83 -18.94 3.10
CA ALA A 257 -2.23 -18.91 2.69
C ALA A 257 -2.93 -20.24 2.95
N ASN A 258 -2.23 -21.34 2.73
CA ASN A 258 -2.77 -22.68 2.95
C ASN A 258 -2.89 -23.05 4.42
N ALA A 259 -1.90 -22.64 5.22
CA ALA A 259 -1.91 -22.89 6.66
C ALA A 259 -3.09 -22.22 7.35
N ILE A 260 -3.39 -20.99 6.94
CA ILE A 260 -4.49 -20.18 7.51
C ILE A 260 -5.84 -20.79 7.18
N MET A 261 -6.01 -21.24 5.94
CA MET A 261 -7.25 -21.91 5.51
C MET A 261 -7.46 -23.22 6.24
N ALA A 262 -6.34 -23.89 6.56
CA ALA A 262 -6.37 -25.14 7.32
C ALA A 262 -6.72 -24.90 8.79
N ALA A 263 -5.99 -23.98 9.42
CA ALA A 263 -6.18 -23.65 10.84
C ALA A 263 -7.53 -23.00 11.14
N CYS A 264 -8.04 -22.21 10.20
CA CYS A 264 -9.30 -21.50 10.36
C CYS A 264 -10.16 -21.62 9.11
N PRO A 265 -11.00 -22.68 9.02
CA PRO A 265 -11.87 -22.80 7.85
C PRO A 265 -12.93 -21.70 7.86
N GLY A 266 -13.43 -21.34 6.67
CA GLY A 266 -14.38 -20.25 6.55
C GLY A 266 -13.68 -18.95 6.17
N ASN A 267 -12.34 -19.00 6.14
CA ASN A 267 -11.53 -17.90 5.63
C ASN A 267 -11.05 -18.24 4.22
N ASP A 268 -11.74 -17.71 3.22
CA ASP A 268 -11.44 -17.99 1.81
C ASP A 268 -10.22 -17.21 1.33
N LEU A 269 -9.08 -17.90 1.24
CA LEU A 269 -7.84 -17.30 0.77
C LEU A 269 -7.37 -17.96 -0.53
N SER A 270 -8.34 -18.46 -1.31
CA SER A 270 -8.04 -19.24 -2.51
C SER A 270 -7.70 -18.39 -3.74
N ASP A 271 -7.61 -17.09 -3.57
CA ASP A 271 -7.36 -16.23 -4.69
C ASP A 271 -5.94 -15.75 -4.62
N VAL A 272 -5.14 -16.37 -3.79
CA VAL A 272 -3.76 -16.04 -3.68
C VAL A 272 -3.02 -16.83 -4.71
N LYS A 273 -2.35 -16.16 -5.63
CA LYS A 273 -1.71 -16.77 -6.77
C LYS A 273 -0.22 -16.89 -6.73
N ASP A 274 0.32 -17.28 -7.84
CA ASP A 274 1.72 -17.36 -8.03
C ASP A 274 1.96 -16.09 -8.69
N ILE A 275 3.15 -15.57 -8.52
CA ILE A 275 3.51 -14.30 -9.16
C ILE A 275 3.61 -14.49 -10.67
N TYR A 276 3.99 -15.70 -11.08
CA TYR A 276 4.00 -16.08 -12.50
C TYR A 276 2.58 -16.11 -13.09
N GLN A 277 1.62 -16.56 -12.28
CA GLN A 277 0.21 -16.59 -12.69
C GLN A 277 -0.38 -15.18 -12.75
N TRP A 278 0.00 -14.34 -11.80
CA TRP A 278 -0.46 -12.95 -11.75
C TRP A 278 0.03 -12.16 -12.96
N TYR A 279 1.32 -12.29 -13.27
CA TYR A 279 1.94 -11.59 -14.40
C TYR A 279 1.21 -11.88 -15.72
N LEU A 280 0.94 -13.17 -15.96
CA LEU A 280 0.32 -13.61 -17.20
C LEU A 280 -1.17 -13.30 -17.28
N GLU A 281 -1.74 -12.83 -16.17
CA GLU A 281 -3.14 -12.40 -16.13
C GLU A 281 -3.28 -10.88 -16.30
N TYR A 282 -2.30 -10.13 -15.82
CA TYR A 282 -2.41 -8.67 -15.81
C TYR A 282 -1.47 -7.94 -16.76
N TYR A 283 -0.35 -8.57 -17.10
CA TYR A 283 0.62 -7.99 -18.04
C TYR A 283 0.65 -8.71 -19.39
N HIS A 284 -0.37 -9.52 -19.68
CA HIS A 284 -0.40 -10.37 -20.90
C HIS A 284 -0.17 -9.58 -22.19
N GLU A 285 -0.66 -8.35 -22.23
CA GLU A 285 -0.57 -7.51 -23.42
C GLU A 285 0.80 -6.85 -23.55
N ASP A 286 1.64 -6.99 -22.52
CA ASP A 286 2.96 -6.35 -22.48
C ASP A 286 4.14 -7.31 -22.57
N ILE A 287 3.90 -8.58 -22.30
CA ILE A 287 4.97 -9.58 -22.29
C ILE A 287 5.19 -10.15 -23.70
N GLN A 288 6.44 -10.09 -24.15
CA GLN A 288 6.81 -10.58 -25.49
C GLN A 288 6.97 -12.11 -25.49
N ASP A 289 7.63 -12.63 -24.47
CA ASP A 289 7.84 -14.07 -24.30
C ASP A 289 7.50 -14.48 -22.86
N ASP A 290 6.55 -15.40 -22.71
CA ASP A 290 5.95 -15.71 -21.40
C ASP A 290 6.09 -17.15 -20.88
N HIS A 291 7.09 -17.90 -21.37
CA HIS A 291 7.20 -19.32 -21.01
C HIS A 291 7.63 -19.61 -19.56
N ASP A 292 8.33 -18.67 -18.94
CA ASP A 292 8.64 -18.76 -17.51
C ASP A 292 8.63 -17.38 -16.85
N LEU A 293 8.91 -17.33 -15.55
CA LEU A 293 8.88 -16.07 -14.80
C LEU A 293 10.04 -15.16 -15.17
N TYR A 294 11.20 -15.74 -15.45
CA TYR A 294 12.37 -14.98 -15.89
C TYR A 294 12.09 -14.19 -17.16
N HIS A 295 11.46 -14.83 -18.14
CA HIS A 295 11.15 -14.19 -19.42
C HIS A 295 9.97 -13.25 -19.33
N ALA A 296 8.98 -13.60 -18.51
CA ALA A 296 7.80 -12.75 -18.31
C ALA A 296 8.16 -11.36 -17.77
N ILE A 297 9.17 -11.31 -16.91
CA ILE A 297 9.62 -10.05 -16.30
C ILE A 297 10.60 -9.29 -17.19
N THR A 298 11.60 -10.01 -17.72
CA THR A 298 12.64 -9.38 -18.56
C THR A 298 12.10 -8.82 -19.88
N THR A 299 11.12 -9.50 -20.47
CA THR A 299 10.55 -9.07 -21.75
C THR A 299 9.24 -8.30 -21.58
N ASN A 300 8.97 -7.84 -20.37
CA ASN A 300 7.79 -7.02 -20.09
C ASN A 300 8.00 -5.59 -20.57
N LYS A 301 7.26 -5.21 -21.62
CA LYS A 301 7.42 -3.90 -22.27
C LYS A 301 7.16 -2.71 -21.34
N SER A 302 6.22 -2.86 -20.42
CA SER A 302 5.91 -1.78 -19.47
C SER A 302 6.92 -1.68 -18.32
N TYR A 303 8.09 -2.27 -18.53
CA TYR A 303 9.22 -2.14 -17.60
C TYR A 303 10.46 -1.52 -18.26
N LYS A 304 10.37 -1.18 -19.54
CA LYS A 304 11.51 -0.64 -20.30
C LYS A 304 11.93 0.74 -19.79
N GLY A 305 13.23 1.01 -19.82
CA GLY A 305 13.78 2.29 -19.38
C GLY A 305 13.90 2.45 -17.87
N LEU A 306 13.30 1.52 -17.13
CA LEU A 306 13.31 1.58 -15.67
C LEU A 306 14.61 1.01 -15.12
N VAL A 307 15.33 1.81 -14.36
CA VAL A 307 16.64 1.44 -13.80
C VAL A 307 16.67 1.49 -12.28
N HIS A 308 17.76 0.98 -11.71
CA HIS A 308 18.02 1.04 -10.27
C HIS A 308 18.31 2.47 -9.79
N PRO A 309 17.93 2.79 -8.54
CA PRO A 309 18.34 4.07 -7.96
C PRO A 309 19.85 4.12 -7.75
N VAL A 310 20.51 5.10 -8.35
CA VAL A 310 21.97 5.21 -8.30
C VAL A 310 22.47 6.60 -7.89
N LYS A 311 23.71 6.66 -7.42
CA LYS A 311 24.37 7.92 -7.10
C LYS A 311 25.79 7.93 -7.65
N ALA A 312 26.30 9.12 -7.96
CA ALA A 312 27.65 9.27 -8.51
C ALA A 312 28.73 8.95 -7.47
N VAL A 313 29.67 8.08 -7.85
CA VAL A 313 30.79 7.69 -7.00
C VAL A 313 32.08 7.60 -7.81
N ASP A 314 33.17 7.25 -7.14
CA ASP A 314 34.47 7.06 -7.80
C ASP A 314 34.36 6.03 -8.92
N GLY A 315 34.61 6.46 -10.16
CA GLY A 315 34.71 5.64 -11.35
C GLY A 315 33.37 5.11 -11.81
N GLY A 316 32.26 5.73 -11.51
CA GLY A 316 30.95 5.33 -12.02
C GLY A 316 29.77 5.68 -11.12
N VAL A 317 28.80 4.77 -11.06
CA VAL A 317 27.65 4.91 -10.18
C VAL A 317 27.54 3.75 -9.17
N ALA A 318 26.84 4.00 -8.08
CA ALA A 318 26.61 3.01 -7.03
C ALA A 318 25.14 2.99 -6.63
N PRO A 319 24.65 1.87 -6.06
CA PRO A 319 23.26 1.82 -5.64
C PRO A 319 22.93 2.80 -4.50
N ASP A 320 21.96 3.68 -4.76
CA ASP A 320 21.37 4.55 -3.75
C ASP A 320 20.40 3.70 -2.95
N PHE A 321 20.58 3.64 -1.63
CA PHE A 321 19.68 2.84 -0.78
C PHE A 321 18.69 3.68 0.04
N GLY A 322 18.95 4.98 0.12
CA GLY A 322 18.05 5.92 0.80
C GLY A 322 16.76 6.11 0.01
N ASN A 323 16.03 5.01 -0.16
CA ASN A 323 14.80 4.99 -0.94
C ASN A 323 13.65 4.36 -0.16
N ARG A 324 12.48 4.34 -0.79
CA ARG A 324 11.29 3.77 -0.17
C ARG A 324 11.02 2.35 -0.65
N TYR A 325 11.98 1.80 -1.40
CA TYR A 325 11.93 0.40 -1.83
C TYR A 325 12.13 -0.55 -0.66
N LEU A 326 12.93 -0.11 0.32
CA LEU A 326 13.28 -0.94 1.47
C LEU A 326 12.75 -0.36 2.78
N THR A 327 12.83 0.97 2.92
CA THR A 327 12.35 1.66 4.12
C THR A 327 10.81 1.68 4.24
N GLU A 328 10.13 1.14 3.24
CA GLU A 328 8.67 1.02 3.27
C GLU A 328 8.23 -0.43 3.12
N ASP A 329 8.78 -1.13 2.15
CA ASP A 329 8.34 -2.49 1.81
C ASP A 329 8.72 -3.56 2.85
N ILE A 330 9.62 -3.22 3.77
CA ILE A 330 10.02 -4.15 4.82
C ILE A 330 9.28 -3.91 6.14
N PRO A 331 9.40 -2.70 6.74
CA PRO A 331 8.64 -2.47 7.96
C PRO A 331 7.11 -2.48 7.75
N MET A 332 6.67 -2.06 6.57
CA MET A 332 5.24 -1.97 6.29
C MET A 332 4.79 -3.03 5.27
N GLY A 333 5.58 -4.09 5.12
CA GLY A 333 5.27 -5.16 4.17
C GLY A 333 5.72 -6.53 4.61
N MET A 334 7.02 -6.81 4.46
CA MET A 334 7.58 -8.13 4.74
C MET A 334 7.49 -8.55 6.21
N ILE A 335 7.77 -7.62 7.12
CA ILE A 335 7.71 -7.88 8.56
C ILE A 335 6.28 -8.23 8.99
N VAL A 336 5.29 -7.55 8.40
CA VAL A 336 3.89 -7.87 8.65
C VAL A 336 3.60 -9.29 8.17
N PHE A 337 3.99 -9.58 6.92
CA PHE A 337 3.86 -10.91 6.36
C PHE A 337 4.55 -11.95 7.24
N LYS A 338 5.76 -11.61 7.71
CA LYS A 338 6.54 -12.46 8.59
C LYS A 338 5.77 -12.80 9.87
N GLY A 339 5.23 -11.79 10.53
CA GLY A 339 4.44 -11.97 11.75
C GLY A 339 3.23 -12.86 11.53
N VAL A 340 2.54 -12.64 10.41
CA VAL A 340 1.43 -13.49 9.98
C VAL A 340 1.90 -14.92 9.74
N ALA A 341 3.08 -15.07 9.13
CA ALA A 341 3.67 -16.38 8.88
C ALA A 341 4.10 -17.07 10.18
N ILE A 342 4.62 -16.29 11.12
CA ILE A 342 4.98 -16.80 12.44
C ILE A 342 3.74 -17.39 13.11
N ALA A 343 2.66 -16.61 13.13
CA ALA A 343 1.38 -17.05 13.69
C ALA A 343 0.80 -18.26 12.95
N ALA A 344 1.05 -18.35 11.66
CA ALA A 344 0.56 -19.46 10.84
C ALA A 344 1.38 -20.73 11.07
N GLY A 345 2.56 -20.57 11.65
CA GLY A 345 3.45 -21.70 11.94
C GLY A 345 4.15 -22.23 10.71
N VAL A 346 4.44 -21.34 9.76
CA VAL A 346 5.09 -21.71 8.51
C VAL A 346 6.46 -21.05 8.46
N ALA A 347 7.48 -21.84 8.11
CA ALA A 347 8.81 -21.31 7.87
C ALA A 347 8.86 -20.69 6.46
N ILE A 348 9.48 -19.52 6.36
CA ILE A 348 9.61 -18.81 5.08
C ILE A 348 11.07 -18.38 4.78
N PRO A 349 11.97 -19.38 4.59
CA PRO A 349 13.42 -19.12 4.52
C PRO A 349 13.86 -18.12 3.46
N SER A 350 13.25 -18.18 2.27
CA SER A 350 13.56 -17.26 1.18
C SER A 350 13.22 -15.83 1.54
N ASN A 351 12.04 -15.62 2.12
CA ASN A 351 11.65 -14.31 2.63
C ASN A 351 12.57 -13.83 3.75
N ASP A 352 12.94 -14.75 4.64
CA ASP A 352 13.85 -14.46 5.76
C ASP A 352 15.19 -13.94 5.28
N LYS A 353 15.77 -14.59 4.26
CA LYS A 353 17.04 -14.18 3.69
C LYS A 353 16.99 -12.73 3.20
N LEU A 354 15.89 -12.37 2.54
CA LEU A 354 15.69 -11.01 2.02
C LEU A 354 15.57 -9.96 3.13
N ILE A 355 14.80 -10.28 4.17
CA ILE A 355 14.61 -9.37 5.30
C ILE A 355 15.95 -9.01 5.96
N MET A 356 16.75 -10.03 6.26
CA MET A 356 18.01 -9.89 6.98
C MET A 356 19.02 -9.01 6.25
N TRP A 357 19.14 -9.22 4.95
CA TRP A 357 20.04 -8.42 4.12
C TRP A 357 19.56 -6.98 4.02
N ALA A 358 18.27 -6.82 3.70
CA ALA A 358 17.71 -5.51 3.39
C ALA A 358 17.57 -4.57 4.59
N GLN A 359 17.35 -5.12 5.77
CA GLN A 359 17.27 -4.31 6.99
C GLN A 359 18.63 -3.70 7.33
N GLU A 360 19.69 -4.45 7.01
CA GLU A 360 21.06 -4.05 7.29
C GLU A 360 21.53 -2.93 6.35
N LYS A 361 20.94 -2.84 5.17
CA LYS A 361 21.29 -1.81 4.20
C LYS A 361 20.68 -0.46 4.57
N ILE A 362 19.57 -0.49 5.30
CA ILE A 362 18.87 0.73 5.71
C ILE A 362 19.14 1.09 7.18
N GLY A 363 20.08 0.38 7.79
CA GLY A 363 20.50 0.64 9.17
C GLY A 363 19.38 0.47 10.17
N LYS A 364 18.60 -0.60 9.99
CA LYS A 364 17.48 -0.90 10.87
C LYS A 364 17.52 -2.35 11.32
N GLU A 365 16.91 -2.63 12.47
CA GLU A 365 16.80 -3.99 12.98
C GLU A 365 15.33 -4.33 13.23
N TYR A 366 14.88 -5.42 12.62
CA TYR A 366 13.49 -5.85 12.72
C TYR A 366 13.40 -7.33 13.12
N LEU A 367 14.08 -8.17 12.36
CA LEU A 367 14.06 -9.61 12.59
C LEU A 367 15.42 -10.09 13.13
N VAL A 368 15.39 -10.82 14.24
CA VAL A 368 16.60 -11.33 14.89
C VAL A 368 16.45 -12.82 15.22
N ASP A 369 17.23 -13.65 14.53
CA ASP A 369 17.20 -15.11 14.69
C ASP A 369 15.79 -15.72 14.53
N GLY A 370 15.06 -15.24 13.54
CA GLY A 370 13.70 -15.70 13.27
C GLY A 370 12.68 -15.23 14.29
N ALA A 371 13.03 -14.20 15.06
CA ALA A 371 12.13 -13.62 16.06
C ALA A 371 11.98 -12.11 15.87
N LEU A 372 10.74 -11.63 16.00
CA LEU A 372 10.45 -10.20 15.87
C LEU A 372 10.93 -9.48 17.12
N THR A 373 12.24 -9.26 17.20
CA THR A 373 12.89 -8.75 18.39
C THR A 373 13.98 -7.72 18.09
N GLY A 374 13.95 -7.16 16.88
CA GLY A 374 14.91 -6.13 16.48
C GLY A 374 14.63 -4.80 17.16
N LYS A 375 15.60 -3.87 17.10
CA LYS A 375 15.45 -2.56 17.72
C LYS A 375 14.19 -1.83 17.24
N ASP A 376 14.02 -1.79 15.92
CA ASP A 376 12.97 -0.97 15.31
C ASP A 376 11.70 -1.76 15.03
N VAL A 377 11.52 -2.90 15.71
CA VAL A 377 10.32 -3.74 15.54
C VAL A 377 9.04 -2.99 15.94
N ALA A 378 9.20 -1.91 16.71
CA ALA A 378 8.08 -1.06 17.14
C ALA A 378 7.61 -0.12 16.04
N THR A 379 8.44 0.06 15.00
CA THR A 379 8.08 0.91 13.86
C THR A 379 7.50 0.09 12.69
N THR A 380 7.19 -1.18 12.95
CA THR A 380 6.58 -2.05 11.97
C THR A 380 5.12 -2.31 12.32
N ARG A 381 4.36 -2.79 11.34
CA ARG A 381 2.94 -3.07 11.53
C ARG A 381 2.63 -4.57 11.67
N CYS A 382 3.62 -5.36 12.10
CA CYS A 382 3.40 -6.79 12.30
C CYS A 382 2.42 -7.01 13.44
N PRO A 383 1.57 -8.05 13.34
CA PRO A 383 0.49 -8.23 14.31
C PRO A 383 0.95 -8.47 15.76
N GLN A 384 2.16 -9.02 15.92
CA GLN A 384 2.72 -9.27 17.25
C GLN A 384 3.08 -7.98 17.98
N ARG A 385 3.46 -6.95 17.21
CA ARG A 385 3.77 -5.63 17.76
C ARG A 385 2.55 -5.00 18.43
N TYR A 386 1.36 -5.32 17.92
CA TYR A 386 0.12 -4.73 18.43
C TYR A 386 -0.57 -5.61 19.47
N GLY A 387 0.04 -6.74 19.79
CA GLY A 387 -0.49 -7.67 20.78
C GLY A 387 -1.23 -8.87 20.23
N PHE A 388 -1.55 -8.84 18.94
CA PHE A 388 -2.26 -9.93 18.28
C PHE A 388 -1.29 -11.05 17.90
N ASN A 389 -1.11 -12.01 18.81
CA ASN A 389 -0.08 -13.03 18.66
C ASN A 389 -0.55 -14.32 17.97
N THR A 390 -1.84 -14.60 18.05
CA THR A 390 -2.42 -15.81 17.45
C THR A 390 -3.16 -15.51 16.15
N LEU A 391 -3.43 -16.54 15.36
CA LEU A 391 -4.19 -16.42 14.11
C LEU A 391 -5.61 -15.88 14.33
N ASP A 392 -6.24 -16.32 15.42
CA ASP A 392 -7.59 -15.87 15.77
C ASP A 392 -7.61 -14.37 16.06
N ALA A 393 -6.62 -13.90 16.82
CA ALA A 393 -6.47 -12.47 17.12
C ALA A 393 -6.21 -11.63 15.87
N ILE A 394 -5.58 -12.25 14.89
CA ILE A 394 -5.26 -11.61 13.61
C ILE A 394 -6.52 -11.39 12.76
N LEU A 395 -7.42 -12.37 12.78
CA LEU A 395 -8.63 -12.31 11.95
C LEU A 395 -9.73 -11.44 12.54
N THR A 396 -9.86 -11.48 13.87
CA THR A 396 -10.99 -10.86 14.57
C THR A 396 -10.62 -9.55 15.26
N GLY A 397 -9.41 -9.50 15.82
CA GLY A 397 -8.96 -8.34 16.59
C GLY A 397 -9.26 -8.48 18.07
N LYS A 398 -9.84 -9.63 18.44
CA LYS A 398 -10.18 -9.93 19.83
C LYS A 398 -9.06 -10.73 20.49
N LYS A 399 -8.62 -10.26 21.65
CA LYS A 399 -7.54 -10.92 22.40
C LYS A 399 -8.09 -11.91 23.42
N HIS A 400 -7.32 -12.98 23.69
CA HIS A 400 -7.71 -13.98 24.65
C HIS A 400 -7.48 -13.51 26.08
N HIS A 401 -8.52 -13.58 26.90
CA HIS A 401 -8.42 -13.33 28.33
C HIS A 401 -8.92 -14.57 29.05
N HIS A 402 -8.20 -15.00 30.08
CA HIS A 402 -8.62 -16.20 30.81
C HIS A 402 -9.15 -15.98 32.24
N HIS A 403 -9.93 -16.97 32.67
CA HIS A 403 -10.52 -17.07 34.00
C HIS A 403 -10.04 -18.49 34.44
N HIS A 404 -10.49 -19.05 35.57
CA HIS A 404 -11.45 -18.46 36.49
C HIS A 404 -10.91 -18.51 37.92
PA NAD B . 3.69 11.27 -1.63
O1A NAD B . 5.16 11.08 -1.64
O2A NAD B . 3.27 12.29 -2.61
O5B NAD B . 3.24 11.71 -0.15
C5B NAD B . 3.70 12.91 0.43
C4B NAD B . 2.64 13.39 1.42
O4B NAD B . 2.62 12.54 2.55
C3B NAD B . 2.91 14.80 1.93
O3B NAD B . 2.23 15.77 1.19
C2B NAD B . 2.42 14.75 3.36
O2B NAD B . 1.04 15.06 3.40
C1B NAD B . 2.60 13.29 3.75
N9A NAD B . 3.88 13.14 4.47
C8A NAD B . 5.12 12.93 3.89
N7A NAD B . 6.04 12.84 4.87
C5A NAD B . 5.42 12.97 6.06
C6A NAD B . 5.89 12.96 7.36
N6A NAD B . 7.18 13.20 7.55
N1A NAD B . 5.00 13.12 8.41
C2A NAD B . 3.65 13.32 8.17
N3A NAD B . 3.19 13.33 6.86
C4A NAD B . 4.06 13.16 5.82
O3 NAD B . 2.94 9.86 -1.89
PN NAD B . 1.93 9.71 -3.13
O1N NAD B . 2.68 9.93 -4.39
O2N NAD B . 0.73 10.53 -2.86
O5D NAD B . 1.50 8.15 -3.09
C5D NAD B . 0.99 7.55 -1.92
C4D NAD B . 1.41 6.09 -1.87
O4D NAD B . 1.01 5.41 -3.03
C3D NAD B . 2.93 5.94 -1.76
O3D NAD B . 3.24 5.15 -0.63
C2D NAD B . 3.36 5.23 -3.02
O2D NAD B . 4.27 4.18 -2.73
C1D NAD B . 2.08 4.68 -3.61
N1N NAD B . 2.02 4.79 -5.09
C2N NAD B . 2.39 5.94 -5.73
C3N NAD B . 2.33 6.05 -7.11
C7N NAD B . 2.14 7.41 -7.73
O7N NAD B . 1.67 7.52 -9.05
N7N NAD B . 2.42 8.49 -7.01
C4N NAD B . 1.89 4.93 -7.85
C5N NAD B . 1.51 3.77 -7.20
C6N NAD B . 1.58 3.71 -5.80
N ARG C . 5.94 -4.94 -5.44
CA ARG C . 5.44 -5.41 -6.81
C ARG C . 5.50 -4.38 -8.04
O ARG C . 5.65 -4.86 -9.22
CB ARG C . 4.10 -5.89 -6.62
CG ARG C . 3.70 -6.69 -7.68
CD ARG C . 2.38 -7.29 -7.06
NE ARG C . 1.37 -6.24 -6.65
CZ ARG C . 0.10 -6.46 -6.38
NH1 ARG C . -0.67 -5.40 -6.10
NH2 ARG C . -0.33 -7.72 -6.43
OXT ARG C . 5.41 -3.06 -7.92
#